data_9GHK
#
_entry.id   9GHK
#
_cell.length_a   35.631
_cell.length_b   54.163
_cell.length_c   66.868
_cell.angle_alpha   90.00
_cell.angle_beta   90.00
_cell.angle_gamma   90.00
#
_symmetry.space_group_name_H-M   'P 21 21 21'
#
loop_
_entity.id
_entity.type
_entity.pdbx_description
1 polymer 'Isoform 2 of Tyrosine-protein kinase Fyn'
2 polymer 'Tau peptide ARG-THR-PRO-SER-LEU-PRO-THR-PRO-PRO-THR'
3 non-polymer 'SODIUM ION'
4 water water
#
loop_
_entity_poly.entity_id
_entity_poly.type
_entity_poly.pdbx_seq_one_letter_code
_entity_poly.pdbx_strand_id
1 'polypeptide(L)' GGTGVTLFVALYDYEARTEDDLSFHKGEKFQILNSSEGDWWEARSLTTGETGYIPSNYVAPVDS A,B
2 'polypeptide(L)' RTPSLPTPPT Q
#
loop_
_chem_comp.id
_chem_comp.type
_chem_comp.name
_chem_comp.formula
NA non-polymer 'SODIUM ION' 'Na 1'
#
# COMPACT_ATOMS: atom_id res chain seq x y z
N GLY A 1 8.32 13.35 2.73
CA GLY A 1 8.38 11.90 2.21
C GLY A 1 6.96 11.51 1.76
N GLY A 2 6.76 11.08 0.51
CA GLY A 2 5.41 10.75 0.03
C GLY A 2 5.37 9.51 -0.85
N THR A 3 4.23 9.29 -1.49
CA THR A 3 4.01 8.16 -2.44
C THR A 3 4.10 8.62 -3.90
N GLY A 4 4.90 7.94 -4.74
CA GLY A 4 5.11 8.36 -6.15
C GLY A 4 3.88 8.12 -7.01
N VAL A 5 3.03 7.19 -6.61
N VAL A 5 2.99 7.24 -6.53
CA VAL A 5 1.72 6.96 -7.29
CA VAL A 5 1.68 6.88 -7.15
C VAL A 5 0.67 7.75 -6.50
C VAL A 5 0.55 7.55 -6.39
N THR A 6 -0.51 7.99 -7.05
CA THR A 6 -1.58 8.74 -6.34
C THR A 6 -2.93 8.05 -6.39
N LEU A 7 -3.07 6.92 -7.15
CA LEU A 7 -4.35 6.15 -7.33
C LEU A 7 -4.25 4.79 -6.64
N PHE A 8 -5.08 4.58 -5.62
CA PHE A 8 -5.00 3.50 -4.63
C PHE A 8 -6.30 2.75 -4.61
N VAL A 9 -6.23 1.52 -4.15
CA VAL A 9 -7.36 0.60 -3.96
C VAL A 9 -7.38 0.12 -2.52
N ALA A 10 -8.56 0.04 -1.94
CA ALA A 10 -8.78 -0.56 -0.60
C ALA A 10 -8.60 -2.08 -0.66
N LEU A 11 -7.81 -2.57 0.29
CA LEU A 11 -7.57 -4.02 0.44
C LEU A 11 -8.59 -4.63 1.39
N TYR A 12 -9.27 -3.83 2.20
CA TYR A 12 -10.15 -4.27 3.29
C TYR A 12 -11.29 -3.28 3.36
N ASP A 13 -12.38 -3.72 3.97
CA ASP A 13 -13.46 -2.83 4.42
C ASP A 13 -12.95 -2.01 5.60
N TYR A 14 -13.45 -0.80 5.72
CA TYR A 14 -13.16 0.10 6.86
C TYR A 14 -14.39 0.91 7.24
N GLU A 15 -14.70 0.94 8.54
N GLU A 15 -14.71 0.94 8.54
CA GLU A 15 -15.74 1.77 9.16
CA GLU A 15 -15.78 1.76 9.16
C GLU A 15 -15.10 2.98 9.84
C GLU A 15 -15.12 2.97 9.84
N ALA A 16 -15.53 4.16 9.42
CA ALA A 16 -15.06 5.42 10.01
C ALA A 16 -15.06 5.31 11.55
N ARG A 17 -13.98 5.78 12.19
N ARG A 17 -13.98 5.79 12.20
CA ARG A 17 -13.85 5.79 13.68
CA ARG A 17 -13.86 5.83 13.69
C ARG A 17 -14.02 7.23 14.19
C ARG A 17 -14.13 7.25 14.20
N THR A 18 -14.16 8.20 13.28
CA THR A 18 -14.37 9.61 13.60
C THR A 18 -15.08 10.25 12.40
N GLU A 19 -15.70 11.40 12.62
N GLU A 19 -15.71 11.39 12.65
CA GLU A 19 -16.55 12.07 11.61
CA GLU A 19 -16.49 12.17 11.66
C GLU A 19 -15.72 12.43 10.36
C GLU A 19 -15.70 12.35 10.36
N ASP A 20 -14.41 12.70 10.50
CA ASP A 20 -13.59 13.10 9.34
C ASP A 20 -12.95 11.90 8.64
N ASP A 21 -13.15 10.69 9.13
CA ASP A 21 -12.77 9.48 8.40
C ASP A 21 -13.70 9.21 7.22
N LEU A 22 -13.19 8.53 6.17
CA LEU A 22 -14.05 7.82 5.20
C LEU A 22 -14.31 6.43 5.76
N SER A 23 -15.50 5.91 5.47
CA SER A 23 -15.77 4.48 5.45
C SER A 23 -15.60 3.99 4.00
N PHE A 24 -15.23 2.73 3.84
CA PHE A 24 -15.07 2.23 2.46
C PHE A 24 -15.12 0.72 2.47
N HIS A 25 -15.26 0.16 1.27
N HIS A 25 -15.22 0.18 1.27
CA HIS A 25 -15.26 -1.29 1.05
CA HIS A 25 -15.25 -1.26 1.03
C HIS A 25 -14.05 -1.70 0.22
C HIS A 25 -14.04 -1.70 0.21
N LYS A 26 -13.66 -2.96 0.39
CA LYS A 26 -12.57 -3.56 -0.40
C LYS A 26 -12.82 -3.27 -1.89
N GLY A 27 -11.80 -2.84 -2.61
CA GLY A 27 -11.93 -2.56 -4.06
C GLY A 27 -12.14 -1.10 -4.37
N GLU A 28 -12.63 -0.34 -3.40
CA GLU A 28 -12.94 1.11 -3.62
C GLU A 28 -11.67 1.80 -4.04
N LYS A 29 -11.77 2.70 -5.03
CA LYS A 29 -10.60 3.48 -5.51
C LYS A 29 -10.52 4.87 -4.88
N PHE A 30 -9.32 5.34 -4.70
CA PHE A 30 -9.01 6.62 -4.04
C PHE A 30 -7.96 7.39 -4.80
N GLN A 31 -8.09 8.72 -4.79
CA GLN A 31 -6.97 9.63 -5.08
C GLN A 31 -6.45 10.13 -3.70
N ILE A 32 -5.15 10.08 -3.54
CA ILE A 32 -4.55 10.49 -2.25
C ILE A 32 -4.24 11.97 -2.34
N LEU A 33 -4.66 12.70 -1.29
CA LEU A 33 -4.56 14.16 -1.28
C LEU A 33 -3.44 14.65 -0.36
N ASN A 34 -3.15 13.86 0.70
CA ASN A 34 -2.08 14.26 1.66
C ASN A 34 -1.67 12.97 2.36
N SER A 35 -0.42 12.61 2.19
CA SER A 35 0.16 11.42 2.84
C SER A 35 1.12 11.83 3.96
N SER A 36 1.31 13.13 4.16
CA SER A 36 2.45 13.66 4.96
C SER A 36 2.36 13.32 6.47
N GLU A 37 1.21 12.91 7.00
CA GLU A 37 1.02 12.53 8.44
C GLU A 37 1.37 11.05 8.69
N GLY A 38 1.62 10.28 7.63
CA GLY A 38 2.12 8.92 7.82
C GLY A 38 1.01 7.89 7.92
N ASP A 39 0.60 7.59 9.16
CA ASP A 39 -0.34 6.43 9.39
C ASP A 39 -1.75 6.71 8.85
N TRP A 40 -2.11 7.98 8.78
CA TRP A 40 -3.44 8.44 8.29
C TRP A 40 -3.21 9.32 7.07
N TRP A 41 -3.94 9.04 5.99
CA TRP A 41 -3.86 9.80 4.73
C TRP A 41 -5.18 10.51 4.49
N GLU A 42 -5.11 11.69 3.92
CA GLU A 42 -6.35 12.30 3.40
C GLU A 42 -6.51 11.79 1.97
N ALA A 43 -7.74 11.37 1.61
CA ALA A 43 -8.03 10.80 0.31
C ALA A 43 -9.40 11.25 -0.16
N ARG A 44 -9.62 11.18 -1.47
N ARG A 44 -9.62 11.17 -1.47
CA ARG A 44 -10.94 11.29 -2.09
CA ARG A 44 -10.93 11.30 -2.10
C ARG A 44 -11.36 9.92 -2.53
C ARG A 44 -11.36 9.94 -2.54
N SER A 45 -12.56 9.52 -2.12
CA SER A 45 -13.19 8.31 -2.66
C SER A 45 -13.58 8.57 -4.09
N LEU A 46 -13.24 7.72 -5.06
CA LEU A 46 -13.65 7.87 -6.45
C LEU A 46 -15.06 7.25 -6.62
N THR A 47 -15.60 6.58 -5.60
CA THR A 47 -17.04 6.15 -5.58
C THR A 47 -17.94 7.32 -5.15
N THR A 48 -17.69 7.93 -3.99
CA THR A 48 -18.61 8.90 -3.37
C THR A 48 -18.21 10.32 -3.70
N GLY A 49 -16.96 10.61 -4.01
CA GLY A 49 -16.52 12.00 -4.19
C GLY A 49 -16.10 12.63 -2.86
N GLU A 50 -16.37 11.95 -1.75
CA GLU A 50 -16.11 12.45 -0.39
C GLU A 50 -14.63 12.47 -0.10
N THR A 51 -14.17 13.41 0.70
CA THR A 51 -12.78 13.56 1.16
C THR A 51 -12.74 13.31 2.66
N GLY A 52 -11.70 12.58 3.07
CA GLY A 52 -11.55 12.30 4.50
C GLY A 52 -10.34 11.43 4.73
N TYR A 53 -10.14 11.03 5.98
CA TYR A 53 -8.96 10.25 6.41
C TYR A 53 -9.22 8.77 6.15
N ILE A 54 -8.16 8.09 5.74
CA ILE A 54 -8.10 6.61 5.62
C ILE A 54 -6.83 6.13 6.30
N PRO A 55 -6.87 4.89 6.85
CA PRO A 55 -5.68 4.28 7.39
C PRO A 55 -4.77 3.84 6.22
N SER A 56 -3.51 4.27 6.24
CA SER A 56 -2.63 4.12 5.07
C SER A 56 -2.21 2.67 4.78
N ASN A 57 -2.34 1.76 5.72
CA ASN A 57 -2.01 0.34 5.46
C ASN A 57 -3.26 -0.41 5.04
N TYR A 58 -4.35 0.27 4.75
CA TYR A 58 -5.57 -0.39 4.20
C TYR A 58 -5.62 -0.32 2.67
N VAL A 59 -4.71 0.40 2.05
CA VAL A 59 -4.77 0.65 0.59
C VAL A 59 -3.42 0.25 -0.04
N ALA A 60 -3.50 -0.06 -1.32
CA ALA A 60 -2.29 -0.33 -2.11
C ALA A 60 -2.39 0.36 -3.45
N PRO A 61 -1.29 0.63 -4.16
CA PRO A 61 -1.37 1.14 -5.53
C PRO A 61 -2.18 0.23 -6.47
N VAL A 62 -2.96 0.82 -7.39
CA VAL A 62 -3.79 0.03 -8.37
C VAL A 62 -2.88 -0.81 -9.30
N THR B 6 5.64 -6.51 -16.60
CA THR B 6 5.12 -7.07 -15.31
C THR B 6 6.06 -6.80 -14.12
N LEU B 7 7.08 -5.96 -14.28
CA LEU B 7 7.97 -5.54 -13.19
C LEU B 7 7.18 -4.70 -12.15
N PHE B 8 7.50 -4.83 -10.86
CA PHE B 8 7.03 -3.90 -9.79
C PHE B 8 8.18 -3.13 -9.21
N VAL B 9 7.92 -1.96 -8.71
CA VAL B 9 8.93 -1.05 -8.15
C VAL B 9 8.58 -0.71 -6.72
N ALA B 10 9.55 -0.66 -5.84
CA ALA B 10 9.40 -0.22 -4.44
C ALA B 10 9.15 1.30 -4.43
N LEU B 11 8.07 1.69 -3.72
CA LEU B 11 7.78 3.13 -3.51
C LEU B 11 8.56 3.66 -2.33
N TYR B 12 9.01 2.82 -1.41
CA TYR B 12 9.60 3.22 -0.12
C TYR B 12 10.70 2.23 0.21
N ASP B 13 11.61 2.64 1.04
CA ASP B 13 12.54 1.69 1.67
C ASP B 13 11.78 0.83 2.67
N TYR B 14 12.24 -0.40 2.85
CA TYR B 14 11.69 -1.26 3.91
C TYR B 14 12.81 -2.09 4.52
N GLU B 15 12.85 -2.09 5.85
CA GLU B 15 13.82 -2.92 6.62
C GLU B 15 13.04 -4.05 7.28
N ALA B 16 13.24 -5.22 6.73
CA ALA B 16 12.61 -6.47 7.19
C ALA B 16 13.46 -7.05 8.33
N ARG B 17 12.80 -7.55 9.39
CA ARG B 17 13.48 -8.12 10.58
C ARG B 17 13.12 -9.58 10.77
N THR B 18 12.28 -10.10 9.91
CA THR B 18 11.94 -11.53 9.93
C THR B 18 12.73 -12.29 8.87
N GLU B 19 12.84 -13.59 9.07
CA GLU B 19 13.66 -14.47 8.19
C GLU B 19 13.17 -14.37 6.74
N ASP B 20 11.87 -14.48 6.52
CA ASP B 20 11.39 -14.76 5.15
C ASP B 20 11.01 -13.48 4.43
N ASP B 21 11.04 -12.31 5.09
CA ASP B 21 10.63 -11.05 4.43
C ASP B 21 11.88 -10.40 3.83
N LEU B 22 11.75 -9.81 2.64
CA LEU B 22 12.86 -9.06 2.01
C LEU B 22 12.97 -7.67 2.60
N SER B 23 14.17 -7.17 2.83
CA SER B 23 14.49 -5.74 2.92
C SER B 23 14.70 -5.19 1.51
N PHE B 24 14.48 -3.89 1.31
CA PHE B 24 14.64 -3.33 -0.04
C PHE B 24 14.67 -1.82 0.10
N HIS B 25 15.06 -1.19 -0.99
CA HIS B 25 15.22 0.27 -1.11
C HIS B 25 14.17 0.76 -2.10
N LYS B 26 13.78 2.03 -1.91
CA LYS B 26 12.94 2.71 -2.89
C LYS B 26 13.53 2.60 -4.28
N GLY B 27 12.71 2.26 -5.27
CA GLY B 27 13.18 2.08 -6.67
C GLY B 27 13.61 0.66 -7.03
N GLU B 28 13.80 -0.18 -6.03
CA GLU B 28 14.27 -1.59 -6.30
C GLU B 28 13.15 -2.26 -7.08
N LYS B 29 13.52 -3.04 -8.08
CA LYS B 29 12.61 -3.76 -8.98
C LYS B 29 12.38 -5.19 -8.57
N PHE B 30 11.18 -5.69 -8.76
CA PHE B 30 10.79 -7.04 -8.35
C PHE B 30 9.98 -7.73 -9.45
N GLN B 31 10.12 -9.06 -9.52
CA GLN B 31 9.11 -9.94 -10.18
C GLN B 31 8.29 -10.57 -9.05
N ILE B 32 6.97 -10.47 -9.23
CA ILE B 32 6.02 -11.11 -8.27
C ILE B 32 5.85 -12.58 -8.64
N LEU B 33 5.98 -13.42 -7.64
CA LEU B 33 5.92 -14.88 -7.83
C LEU B 33 4.61 -15.46 -7.35
N ASN B 34 3.99 -14.86 -6.34
CA ASN B 34 2.74 -15.39 -5.75
C ASN B 34 2.06 -14.24 -5.01
N SER B 35 0.90 -13.83 -5.51
CA SER B 35 0.08 -12.78 -4.87
C SER B 35 -1.22 -13.37 -4.30
N SER B 36 -1.32 -14.70 -4.25
N SER B 36 -1.38 -14.68 -4.20
CA SER B 36 -2.61 -15.45 -3.99
CA SER B 36 -2.71 -15.28 -3.95
C SER B 36 -2.86 -15.69 -2.49
C SER B 36 -2.83 -15.82 -2.50
N GLU B 37 -1.85 -15.49 -1.63
CA GLU B 37 -1.83 -15.96 -0.21
C GLU B 37 -2.12 -14.83 0.77
N GLY B 38 -2.65 -13.71 0.31
CA GLY B 38 -2.90 -12.54 1.16
C GLY B 38 -2.05 -11.36 0.72
N ASP B 39 -1.88 -10.38 1.59
CA ASP B 39 -1.42 -9.06 1.11
C ASP B 39 0.12 -8.97 1.20
N TRP B 40 0.79 -9.99 1.77
CA TRP B 40 2.25 -10.18 1.60
C TRP B 40 2.47 -11.07 0.39
N TRP B 41 3.16 -10.58 -0.60
CA TRP B 41 3.40 -11.31 -1.85
C TRP B 41 4.77 -11.96 -1.81
N GLU B 42 4.86 -13.14 -2.42
CA GLU B 42 6.22 -13.65 -2.70
C GLU B 42 6.76 -12.97 -3.94
N ALA B 43 8.04 -12.53 -3.84
CA ALA B 43 8.69 -11.78 -4.92
C ALA B 43 10.17 -12.18 -5.03
N ARG B 44 10.72 -11.86 -6.19
CA ARG B 44 12.17 -11.92 -6.39
C ARG B 44 12.68 -10.50 -6.56
N SER B 45 13.68 -10.15 -5.77
CA SER B 45 14.38 -8.89 -5.99
C SER B 45 15.20 -8.99 -7.28
N LEU B 46 15.13 -8.05 -8.18
CA LEU B 46 15.95 -8.02 -9.40
C LEU B 46 17.32 -7.43 -9.11
N THR B 47 17.56 -6.96 -7.88
CA THR B 47 18.91 -6.52 -7.45
C THR B 47 19.66 -7.76 -6.99
N THR B 48 19.14 -8.53 -6.05
CA THR B 48 19.91 -9.59 -5.35
C THR B 48 19.61 -10.97 -5.95
N GLY B 49 18.46 -11.11 -6.58
CA GLY B 49 18.02 -12.44 -7.00
C GLY B 49 17.31 -13.23 -5.90
N GLU B 50 17.26 -12.69 -4.69
N GLU B 50 17.23 -12.70 -4.69
CA GLU B 50 16.67 -13.30 -3.46
CA GLU B 50 16.66 -13.44 -3.54
C GLU B 50 15.15 -13.37 -3.62
C GLU B 50 15.14 -13.39 -3.64
N THR B 51 14.54 -14.43 -3.09
CA THR B 51 13.07 -14.53 -3.03
C THR B 51 12.66 -14.48 -1.58
N GLY B 52 11.52 -13.80 -1.38
CA GLY B 52 10.91 -13.73 -0.05
C GLY B 52 9.62 -12.92 -0.14
N TYR B 53 9.08 -12.61 1.01
CA TYR B 53 7.82 -11.85 1.04
C TYR B 53 8.07 -10.34 1.14
N ILE B 54 7.15 -9.61 0.49
CA ILE B 54 7.18 -8.14 0.52
C ILE B 54 5.74 -7.69 0.82
N PRO B 55 5.62 -6.51 1.49
CA PRO B 55 4.27 -5.95 1.74
C PRO B 55 3.78 -5.34 0.43
N SER B 56 2.58 -5.76 0.00
CA SER B 56 2.13 -5.40 -1.36
C SER B 56 1.80 -3.89 -1.47
N ASN B 57 1.57 -3.18 -0.38
CA ASN B 57 1.32 -1.73 -0.43
C ASN B 57 2.57 -0.92 -0.63
N TYR B 58 3.76 -1.55 -0.55
CA TYR B 58 5.03 -0.85 -0.78
C TYR B 58 5.49 -0.90 -2.23
N VAL B 59 4.80 -1.62 -3.11
CA VAL B 59 5.25 -1.67 -4.51
C VAL B 59 4.14 -1.28 -5.47
N ALA B 60 4.48 -0.84 -6.65
CA ALA B 60 3.50 -0.52 -7.70
C ALA B 60 4.00 -1.07 -9.02
N PRO B 61 3.14 -1.34 -9.99
CA PRO B 61 3.58 -1.72 -11.33
C PRO B 61 4.45 -0.61 -11.97
N VAL B 62 5.52 -1.04 -12.65
CA VAL B 62 6.28 -0.16 -13.57
C VAL B 62 5.36 0.11 -14.77
N SER C 4 -2.20 -6.74 8.07
CA SER C 4 -0.87 -6.93 8.79
C SER C 4 0.22 -6.14 8.09
N LEU C 5 -0.12 -5.29 7.16
CA LEU C 5 0.83 -4.48 6.37
C LEU C 5 1.35 -3.33 7.19
N PRO C 6 2.61 -2.94 6.95
CA PRO C 6 3.18 -1.78 7.56
C PRO C 6 2.49 -0.54 6.97
N THR C 7 2.44 0.53 7.75
CA THR C 7 2.13 1.87 7.21
C THR C 7 3.35 2.40 6.48
N PRO C 8 3.17 2.97 5.28
CA PRO C 8 4.26 3.61 4.54
C PRO C 8 4.93 4.68 5.40
N PRO C 9 6.23 4.92 5.16
CA PRO C 9 6.99 5.89 5.94
C PRO C 9 6.91 7.30 5.33
N THR C 10 5.71 7.81 5.16
CA THR C 10 5.42 9.10 4.50
C THR C 10 5.33 10.21 5.56
NA NA D . 14.90 -11.34 5.86
#